data_4PY0
#
_entry.id   4PY0
#
_cell.length_a   75.650
_cell.length_b   65.110
_cell.length_c   100.740
_cell.angle_alpha   90.00
_cell.angle_beta   95.50
_cell.angle_gamma   90.00
#
_symmetry.space_group_name_H-M   'C 1 2 1'
#
loop_
_entity.id
_entity.type
_entity.pdbx_description
1 polymer 'P2Y purinoceptor 12, Soluble cytochrome b562'
2 non-polymer "2-(methylsulfanyl)adenosine 5'-(tetrahydrogen triphosphate)"
3 non-polymer '(2R)-2,3-dihydroxypropyl (9Z)-octadec-9-enoate'
4 water water
#
_entity_poly.entity_id   1
_entity_poly.type   'polypeptide(L)'
_entity_poly.pdbx_seq_one_letter_code
;DYKDDDDGAPQAVDNLTSAPGNTSLCTRDYKITQVLFPLLYTVLFFVGLITNGLAMRIFFQIRSKSNFIIFLKNTVISDL
LMILTFPFKILSDAKLGTGPLRTFVCQVTSVIFYFTMYISISFLGLITIDRYQKTTRPFKTSNPKNLLGAKILSVVIWAF
MFLLSLPNMILTNRQPRDKNVKKCSFLKSEFGLVWHEIVNYICQVIFWINFLIVIVCYTLITKELYRSYVRTADLEDNWE
TLNDNLKVIEKADNAAQVKDALTKMRAAALDAQKATPPKLEDKSPDSPEMKDFRHGFDILVGQIDDALKLANEGKVKEAQ
AAAEQLKTTRNAYIQKYLRGVGKVPRKKVNVKVFIIIAVFFICFVPFHFARIPYTLSQTRDVFDCTAENTLFYVKESTLW
LTSLNACLNPFIYFFLCKSFRNSLISMLKCPNSATSLSQDNRKKEQDGGDPNEETPMGRPLEVLFQ
;
_entity_poly.pdbx_strand_id   A
#
# COMPACT_ATOMS: atom_id res chain seq x y z
N SER A 24 19.57 20.45 -33.35
CA SER A 24 19.48 21.17 -34.63
C SER A 24 19.88 20.27 -35.80
N LEU A 25 21.05 19.60 -35.72
CA LEU A 25 21.57 18.70 -36.75
C LEU A 25 21.78 17.27 -36.18
N CYS A 26 21.26 17.03 -34.95
CA CYS A 26 21.36 15.75 -34.24
C CYS A 26 20.45 14.70 -34.86
N THR A 27 20.95 13.46 -34.95
CA THR A 27 20.23 12.30 -35.49
C THR A 27 19.94 11.31 -34.35
N ARG A 28 18.69 10.84 -34.27
CA ARG A 28 18.23 9.91 -33.25
C ARG A 28 17.92 8.55 -33.88
N ASP A 29 18.45 7.47 -33.28
CA ASP A 29 18.26 6.10 -33.75
C ASP A 29 16.85 5.63 -33.38
N TYR A 30 15.96 5.55 -34.39
CA TYR A 30 14.58 5.11 -34.22
C TYR A 30 14.36 3.66 -34.68
N LYS A 31 15.44 2.98 -35.13
CA LYS A 31 15.41 1.59 -35.64
C LYS A 31 14.92 0.57 -34.60
N ILE A 32 15.14 0.84 -33.30
CA ILE A 32 14.73 -0.05 -32.20
C ILE A 32 13.40 0.45 -31.58
N THR A 33 13.28 1.77 -31.32
CA THR A 33 12.10 2.39 -30.70
C THR A 33 10.81 2.27 -31.56
N GLN A 34 10.93 2.14 -32.90
CA GLN A 34 9.77 2.03 -33.79
C GLN A 34 9.17 0.60 -33.82
N VAL A 35 9.90 -0.38 -33.28
CA VAL A 35 9.46 -1.78 -33.25
C VAL A 35 9.15 -2.21 -31.80
N LEU A 36 10.05 -1.88 -30.85
CA LEU A 36 9.95 -2.26 -29.45
C LEU A 36 8.83 -1.56 -28.68
N PHE A 37 8.78 -0.21 -28.71
CA PHE A 37 7.78 0.58 -27.96
C PHE A 37 6.33 0.41 -28.50
N PRO A 38 6.00 0.46 -29.82
CA PRO A 38 4.59 0.28 -30.23
C PRO A 38 4.07 -1.13 -29.89
N LEU A 39 4.96 -2.14 -29.85
CA LEU A 39 4.63 -3.52 -29.50
C LEU A 39 4.31 -3.64 -28.00
N LEU A 40 5.16 -3.00 -27.15
CA LEU A 40 5.01 -2.98 -25.69
C LEU A 40 3.73 -2.24 -25.26
N TYR A 41 3.40 -1.14 -25.95
CA TYR A 41 2.21 -0.34 -25.66
C TYR A 41 0.92 -1.01 -26.18
N THR A 42 1.04 -1.96 -27.15
CA THR A 42 -0.10 -2.73 -27.67
C THR A 42 -0.55 -3.71 -26.57
N VAL A 43 0.43 -4.28 -25.83
CA VAL A 43 0.25 -5.21 -24.71
C VAL A 43 -0.48 -4.46 -23.56
N LEU A 44 -0.02 -3.24 -23.22
CA LEU A 44 -0.61 -2.39 -22.18
C LEU A 44 -2.03 -1.97 -22.51
N PHE A 45 -2.30 -1.64 -23.79
CA PHE A 45 -3.62 -1.24 -24.29
C PHE A 45 -4.60 -2.42 -24.23
N PHE A 46 -4.12 -3.64 -24.54
CA PHE A 46 -4.91 -4.88 -24.52
C PHE A 46 -5.26 -5.27 -23.08
N VAL A 47 -4.25 -5.46 -22.21
CA VAL A 47 -4.38 -5.83 -20.79
C VAL A 47 -5.23 -4.78 -20.05
N GLY A 48 -4.86 -3.50 -20.21
CA GLY A 48 -5.52 -2.35 -19.59
C GLY A 48 -7.01 -2.24 -19.83
N LEU A 49 -7.47 -2.50 -21.07
CA LEU A 49 -8.88 -2.44 -21.44
C LEU A 49 -9.68 -3.56 -20.77
N ILE A 50 -9.06 -4.75 -20.59
CA ILE A 50 -9.67 -5.90 -19.93
C ILE A 50 -9.78 -5.61 -18.43
N THR A 51 -8.67 -5.12 -17.83
CA THR A 51 -8.56 -4.77 -16.41
C THR A 51 -9.55 -3.65 -16.05
N ASN A 52 -9.60 -2.56 -16.85
CA ASN A 52 -10.52 -1.43 -16.62
C ASN A 52 -11.97 -1.81 -16.96
N GLY A 53 -12.14 -2.74 -17.90
CA GLY A 53 -13.45 -3.25 -18.30
C GLY A 53 -14.10 -3.99 -17.17
N LEU A 54 -13.30 -4.79 -16.43
CA LEU A 54 -13.73 -5.55 -15.26
C LEU A 54 -13.90 -4.62 -14.06
N ALA A 55 -13.02 -3.61 -13.92
CA ALA A 55 -13.03 -2.64 -12.84
C ALA A 55 -14.27 -1.74 -12.84
N MET A 56 -14.70 -1.28 -14.04
CA MET A 56 -15.85 -0.38 -14.19
C MET A 56 -17.19 -1.09 -13.94
N ARG A 57 -17.36 -2.34 -14.44
CA ARG A 57 -18.59 -3.12 -14.25
C ARG A 57 -18.78 -3.55 -12.78
N ILE A 58 -17.70 -3.55 -11.98
CA ILE A 58 -17.72 -3.93 -10.57
C ILE A 58 -17.88 -2.67 -9.69
N PHE A 59 -17.15 -1.58 -10.00
CA PHE A 59 -17.18 -0.35 -9.20
C PHE A 59 -18.37 0.58 -9.48
N PHE A 60 -18.88 0.64 -10.72
CA PHE A 60 -20.01 1.52 -11.02
C PHE A 60 -21.36 0.86 -10.68
N GLN A 61 -21.36 -0.47 -10.39
CA GLN A 61 -22.55 -1.21 -10.00
C GLN A 61 -22.71 -1.22 -8.46
N ILE A 62 -21.71 -0.67 -7.73
CA ILE A 62 -21.72 -0.54 -6.26
C ILE A 62 -21.81 0.95 -5.90
N ARG A 63 -22.45 1.27 -4.74
CA ARG A 63 -22.67 2.65 -4.29
C ARG A 63 -21.43 3.25 -3.59
N SER A 64 -21.42 4.60 -3.46
CA SER A 64 -20.36 5.38 -2.81
C SER A 64 -20.71 5.65 -1.34
N LYS A 65 -20.56 4.61 -0.49
CA LYS A 65 -20.85 4.68 0.94
C LYS A 65 -19.63 5.09 1.76
N SER A 66 -18.41 4.94 1.20
CA SER A 66 -17.15 5.28 1.87
C SER A 66 -16.28 6.20 1.00
N ASN A 67 -15.24 6.80 1.61
CA ASN A 67 -14.30 7.70 0.93
C ASN A 67 -13.41 6.94 -0.05
N PHE A 68 -12.97 5.72 0.34
CA PHE A 68 -12.11 4.82 -0.46
C PHE A 68 -12.76 4.45 -1.80
N ILE A 69 -14.10 4.25 -1.81
CA ILE A 69 -14.86 3.90 -3.02
C ILE A 69 -14.86 5.12 -3.97
N ILE A 70 -15.09 6.35 -3.44
CA ILE A 70 -15.11 7.61 -4.20
C ILE A 70 -13.74 7.84 -4.88
N PHE A 71 -12.63 7.69 -4.13
CA PHE A 71 -11.27 7.89 -4.64
C PHE A 71 -10.91 6.86 -5.72
N LEU A 72 -11.36 5.60 -5.55
CA LEU A 72 -11.09 4.53 -6.51
C LEU A 72 -12.02 4.64 -7.74
N LYS A 73 -13.17 5.34 -7.60
CA LYS A 73 -14.12 5.60 -8.68
C LYS A 73 -13.55 6.68 -9.61
N ASN A 74 -12.71 7.57 -9.05
CA ASN A 74 -12.04 8.66 -9.77
C ASN A 74 -10.76 8.15 -10.43
N THR A 75 -10.06 7.20 -9.78
CA THR A 75 -8.83 6.58 -10.25
C THR A 75 -9.13 5.72 -11.50
N VAL A 76 -10.27 5.00 -11.51
CA VAL A 76 -10.67 4.13 -12.62
C VAL A 76 -11.03 4.98 -13.87
N ILE A 77 -11.58 6.21 -13.71
CA ILE A 77 -11.90 7.04 -14.87
C ILE A 77 -10.61 7.75 -15.38
N SER A 78 -9.60 7.93 -14.49
CA SER A 78 -8.31 8.52 -14.84
C SER A 78 -7.46 7.48 -15.58
N ASP A 79 -7.56 6.19 -15.18
CA ASP A 79 -6.86 5.08 -15.82
C ASP A 79 -7.39 4.87 -17.25
N LEU A 80 -8.70 5.13 -17.46
CA LEU A 80 -9.38 5.02 -18.75
C LEU A 80 -8.80 6.01 -19.77
N LEU A 81 -8.60 7.27 -19.38
CA LEU A 81 -8.03 8.32 -20.24
C LEU A 81 -6.57 8.02 -20.58
N MET A 82 -5.86 7.37 -19.64
CA MET A 82 -4.45 6.96 -19.78
C MET A 82 -4.33 5.86 -20.85
N ILE A 83 -5.27 4.88 -20.86
CA ILE A 83 -5.30 3.76 -21.81
C ILE A 83 -5.71 4.28 -23.21
N LEU A 84 -6.64 5.26 -23.24
CA LEU A 84 -7.15 5.90 -24.47
C LEU A 84 -6.06 6.69 -25.22
N THR A 85 -4.97 7.05 -24.51
CA THR A 85 -3.82 7.78 -25.03
C THR A 85 -2.90 6.86 -25.85
N PHE A 86 -2.62 5.64 -25.33
CA PHE A 86 -1.72 4.63 -25.89
C PHE A 86 -1.88 4.38 -27.41
N PRO A 87 -3.10 4.23 -28.03
CA PRO A 87 -3.15 3.97 -29.49
C PRO A 87 -2.54 5.08 -30.33
N PHE A 88 -2.62 6.34 -29.87
CA PHE A 88 -2.05 7.51 -30.56
C PHE A 88 -0.52 7.50 -30.45
N LYS A 89 0.03 6.89 -29.38
CA LYS A 89 1.48 6.76 -29.17
C LYS A 89 2.04 5.60 -29.99
N ILE A 90 1.26 4.51 -30.18
CA ILE A 90 1.64 3.31 -30.94
C ILE A 90 1.92 3.69 -32.42
N LEU A 91 1.08 4.54 -33.03
CA LEU A 91 1.22 4.96 -34.43
C LEU A 91 2.32 6.01 -34.63
N SER A 92 2.44 6.99 -33.71
CA SER A 92 3.42 8.07 -33.79
C SER A 92 4.87 7.58 -33.62
N ASP A 93 5.10 6.65 -32.68
CA ASP A 93 6.44 6.08 -32.42
C ASP A 93 6.87 5.12 -33.53
N ALA A 94 5.90 4.47 -34.21
CA ALA A 94 6.14 3.51 -35.29
C ALA A 94 6.64 4.18 -36.58
N LYS A 95 6.14 5.39 -36.89
CA LYS A 95 6.51 6.13 -38.10
C LYS A 95 7.91 6.74 -37.97
N THR A 98 8.76 13.23 -38.25
CA THR A 98 7.60 13.87 -37.64
C THR A 98 6.55 14.24 -38.72
N GLY A 99 5.32 14.43 -38.26
CA GLY A 99 4.19 14.81 -39.10
C GLY A 99 3.06 15.46 -38.31
N PRO A 100 1.86 15.64 -38.91
CA PRO A 100 0.74 16.25 -38.17
C PRO A 100 0.24 15.40 -36.99
N LEU A 101 0.50 14.07 -37.01
CA LEU A 101 0.12 13.17 -35.94
C LEU A 101 1.01 13.40 -34.71
N ARG A 102 2.34 13.48 -34.90
CA ARG A 102 3.34 13.73 -33.84
C ARG A 102 3.11 15.10 -33.20
N THR A 103 2.76 16.11 -34.03
CA THR A 103 2.46 17.49 -33.60
C THR A 103 1.24 17.46 -32.67
N PHE A 104 0.20 16.67 -33.05
CA PHE A 104 -1.04 16.49 -32.28
C PHE A 104 -0.76 15.76 -30.97
N VAL A 105 0.12 14.71 -30.99
CA VAL A 105 0.51 13.92 -29.83
C VAL A 105 1.17 14.85 -28.79
N CYS A 106 2.14 15.67 -29.25
CA CYS A 106 2.87 16.67 -28.45
C CYS A 106 1.92 17.71 -27.82
N GLN A 107 0.87 18.09 -28.57
CA GLN A 107 -0.10 19.11 -28.20
C GLN A 107 -1.27 18.61 -27.36
N VAL A 108 -1.82 17.39 -27.64
CA VAL A 108 -3.02 16.92 -26.94
C VAL A 108 -2.80 15.64 -26.09
N THR A 109 -2.68 14.45 -26.74
CA THR A 109 -2.63 13.12 -26.08
C THR A 109 -1.51 12.94 -25.03
N SER A 110 -0.24 13.31 -25.33
CA SER A 110 0.86 13.16 -24.37
C SER A 110 0.64 13.99 -23.10
N VAL A 111 0.03 15.19 -23.24
CA VAL A 111 -0.30 16.10 -22.13
C VAL A 111 -1.38 15.44 -21.23
N ILE A 112 -2.38 14.77 -21.86
CA ILE A 112 -3.48 14.05 -21.20
C ILE A 112 -2.91 12.90 -20.36
N PHE A 113 -1.89 12.18 -20.90
CA PHE A 113 -1.22 11.06 -20.23
C PHE A 113 -0.60 11.52 -18.90
N TYR A 114 0.12 12.66 -18.90
CA TYR A 114 0.75 13.23 -17.71
C TYR A 114 -0.29 13.75 -16.73
N PHE A 115 -1.38 14.37 -17.25
CA PHE A 115 -2.50 14.91 -16.49
C PHE A 115 -3.14 13.80 -15.61
N THR A 116 -3.53 12.67 -16.23
CA THR A 116 -4.16 11.53 -15.55
C THR A 116 -3.15 10.75 -14.68
N MET A 117 -1.84 10.84 -14.97
CA MET A 117 -0.79 10.17 -14.22
C MET A 117 -0.67 10.77 -12.80
N TYR A 118 -0.60 12.12 -12.70
CA TYR A 118 -0.47 12.82 -11.43
C TYR A 118 -1.81 12.87 -10.67
N ILE A 119 -2.94 12.62 -11.38
CA ILE A 119 -4.26 12.49 -10.76
C ILE A 119 -4.25 11.15 -10.00
N SER A 120 -3.78 10.07 -10.68
CA SER A 120 -3.65 8.71 -10.13
C SER A 120 -2.73 8.68 -8.91
N ILE A 121 -1.59 9.42 -8.96
CA ILE A 121 -0.61 9.52 -7.86
C ILE A 121 -1.28 10.20 -6.65
N SER A 122 -1.96 11.35 -6.87
CA SER A 122 -2.65 12.14 -5.84
C SER A 122 -3.71 11.31 -5.13
N PHE A 123 -4.53 10.53 -5.88
CA PHE A 123 -5.58 9.70 -5.31
C PHE A 123 -4.98 8.49 -4.59
N LEU A 124 -3.83 7.96 -5.07
CA LEU A 124 -3.13 6.84 -4.42
C LEU A 124 -2.64 7.25 -3.03
N GLY A 125 -2.23 8.51 -2.89
CA GLY A 125 -1.78 9.09 -1.63
C GLY A 125 -2.93 9.26 -0.64
N LEU A 126 -4.10 9.70 -1.15
CA LEU A 126 -5.32 9.89 -0.36
C LEU A 126 -5.89 8.56 0.13
N ILE A 127 -5.80 7.50 -0.72
CA ILE A 127 -6.24 6.13 -0.41
C ILE A 127 -5.38 5.58 0.74
N THR A 128 -4.05 5.88 0.72
CA THR A 128 -3.09 5.46 1.75
C THR A 128 -3.45 6.12 3.10
N ILE A 129 -3.83 7.42 3.12
CA ILE A 129 -4.20 8.16 4.32
C ILE A 129 -5.53 7.60 4.87
N ASP A 130 -6.57 7.47 4.01
CA ASP A 130 -7.90 6.97 4.36
C ASP A 130 -7.81 5.58 5.00
N ARG A 131 -7.07 4.65 4.39
CA ARG A 131 -6.92 3.28 4.87
C ARG A 131 -6.06 3.21 6.16
N TYR A 132 -5.14 4.18 6.36
CA TYR A 132 -4.31 4.24 7.58
C TYR A 132 -5.16 4.72 8.77
N GLN A 133 -6.08 5.67 8.53
CA GLN A 133 -6.98 6.23 9.55
C GLN A 133 -7.98 5.17 10.05
N LYS A 134 -8.32 4.17 9.22
CA LYS A 134 -9.25 3.10 9.56
C LYS A 134 -8.58 2.00 10.40
N THR A 135 -7.24 1.91 10.38
CA THR A 135 -6.49 0.92 11.18
C THR A 135 -6.26 1.43 12.59
N THR A 136 -6.26 2.77 12.77
CA THR A 136 -6.04 3.44 14.06
C THR A 136 -7.33 3.49 14.90
N ARG A 137 -8.52 3.53 14.27
CA ARG A 137 -9.81 3.59 14.97
C ARG A 137 -10.15 2.23 15.60
N PRO A 144 -23.40 13.17 4.07
CA PRO A 144 -22.53 13.13 5.26
C PRO A 144 -21.35 14.09 5.15
N LYS A 145 -20.87 14.59 6.31
CA LYS A 145 -19.74 15.50 6.42
C LYS A 145 -18.41 14.83 6.05
N ASN A 146 -18.29 13.52 6.34
CA ASN A 146 -17.12 12.71 6.04
C ASN A 146 -17.00 12.46 4.54
N LEU A 147 -18.14 12.15 3.87
CA LEU A 147 -18.21 11.89 2.43
C LEU A 147 -18.05 13.17 1.60
N LEU A 148 -18.52 14.33 2.13
CA LEU A 148 -18.42 15.63 1.47
C LEU A 148 -16.95 16.06 1.32
N GLY A 149 -16.13 15.72 2.32
CA GLY A 149 -14.69 16.00 2.33
C GLY A 149 -13.96 15.29 1.22
N ALA A 150 -14.29 14.01 0.99
CA ALA A 150 -13.71 13.17 -0.07
C ALA A 150 -14.16 13.62 -1.45
N LYS A 151 -15.41 14.12 -1.56
CA LYS A 151 -16.00 14.60 -2.81
C LYS A 151 -15.41 15.95 -3.23
N ILE A 152 -15.15 16.87 -2.26
CA ILE A 152 -14.58 18.18 -2.58
C ILE A 152 -13.08 18.05 -2.92
N LEU A 153 -12.37 17.08 -2.30
CA LEU A 153 -10.95 16.83 -2.56
C LEU A 153 -10.75 16.25 -3.97
N SER A 154 -11.78 15.56 -4.49
CA SER A 154 -11.79 14.99 -5.85
C SER A 154 -11.80 16.12 -6.88
N VAL A 155 -12.64 17.15 -6.64
CA VAL A 155 -12.79 18.34 -7.48
C VAL A 155 -11.46 19.14 -7.48
N VAL A 156 -10.82 19.23 -6.29
CA VAL A 156 -9.54 19.94 -6.05
C VAL A 156 -8.43 19.37 -6.97
N ILE A 157 -8.29 18.03 -7.06
CA ILE A 157 -7.28 17.34 -7.87
C ILE A 157 -7.54 17.55 -9.38
N TRP A 158 -8.77 17.27 -9.86
CA TRP A 158 -9.16 17.38 -11.26
C TRP A 158 -9.02 18.82 -11.81
N ALA A 159 -9.36 19.84 -11.00
CA ALA A 159 -9.26 21.25 -11.41
C ALA A 159 -7.81 21.75 -11.44
N PHE A 160 -6.99 21.33 -10.44
CA PHE A 160 -5.58 21.71 -10.28
C PHE A 160 -4.72 21.19 -11.45
N MET A 161 -4.88 19.91 -11.82
CA MET A 161 -4.10 19.28 -12.89
C MET A 161 -4.51 19.79 -14.27
N PHE A 162 -5.81 20.13 -14.45
CA PHE A 162 -6.33 20.67 -15.71
C PHE A 162 -5.79 22.08 -15.95
N LEU A 163 -5.66 22.89 -14.87
CA LEU A 163 -5.13 24.25 -14.95
C LEU A 163 -3.61 24.26 -15.21
N LEU A 164 -2.95 23.10 -15.08
CA LEU A 164 -1.51 22.91 -15.37
C LEU A 164 -1.32 22.39 -16.80
N SER A 165 -2.26 21.53 -17.26
CA SER A 165 -2.25 20.88 -18.56
C SER A 165 -2.73 21.79 -19.69
N LEU A 166 -3.76 22.64 -19.42
CA LEU A 166 -4.36 23.56 -20.41
C LEU A 166 -3.31 24.49 -21.04
N PRO A 167 -2.38 25.18 -20.29
CA PRO A 167 -1.39 26.03 -20.98
C PRO A 167 -0.35 25.22 -21.76
N ASN A 168 -0.10 23.95 -21.37
CA ASN A 168 0.85 23.05 -22.06
C ASN A 168 0.32 22.64 -23.44
N MET A 169 -1.01 22.70 -23.64
CA MET A 169 -1.69 22.39 -24.89
C MET A 169 -1.73 23.59 -25.84
N ILE A 170 -2.12 24.78 -25.32
CA ILE A 170 -2.27 26.03 -26.07
C ILE A 170 -0.91 26.57 -26.56
N LEU A 171 0.13 26.58 -25.68
CA LEU A 171 1.45 27.12 -25.97
C LEU A 171 2.35 26.23 -26.87
N THR A 172 1.79 25.17 -27.48
CA THR A 172 2.54 24.30 -28.41
C THR A 172 2.32 24.91 -29.82
N ASN A 173 2.92 26.09 -30.07
CA ASN A 173 2.77 26.84 -31.32
C ASN A 173 4.14 27.27 -31.90
N ARG A 174 4.64 26.45 -32.85
CA ARG A 174 5.88 26.66 -33.60
C ARG A 174 5.84 25.77 -34.86
N GLN A 175 6.10 26.38 -36.03
CA GLN A 175 6.07 25.72 -37.34
C GLN A 175 7.13 24.60 -37.43
N PRO A 176 6.71 23.35 -37.76
CA PRO A 176 7.71 22.27 -37.91
C PRO A 176 8.39 22.36 -39.28
N ARG A 177 9.62 22.90 -39.30
CA ARG A 177 10.42 23.11 -40.51
C ARG A 177 10.82 21.78 -41.17
N ASP A 178 11.27 20.80 -40.37
CA ASP A 178 11.70 19.49 -40.85
C ASP A 178 10.62 18.43 -40.56
N LYS A 179 10.58 17.38 -41.39
CA LYS A 179 9.61 16.27 -41.27
C LYS A 179 10.28 15.02 -40.65
N ASN A 180 11.37 15.22 -39.87
CA ASN A 180 12.11 14.13 -39.22
C ASN A 180 12.38 14.41 -37.73
N VAL A 181 12.50 15.71 -37.34
CA VAL A 181 12.78 16.15 -35.97
C VAL A 181 11.54 15.87 -35.08
N LYS A 182 11.56 14.73 -34.36
CA LYS A 182 10.46 14.28 -33.52
C LYS A 182 10.62 14.68 -32.03
N LYS A 183 10.54 15.99 -31.74
CA LYS A 183 10.62 16.48 -30.36
C LYS A 183 9.68 17.67 -30.12
N CYS A 184 8.83 17.54 -29.09
CA CYS A 184 7.79 18.49 -28.65
C CYS A 184 8.39 19.81 -28.18
N SER A 185 9.59 19.79 -27.58
CA SER A 185 10.30 20.99 -27.09
C SER A 185 10.57 22.00 -28.23
N PHE A 186 10.82 21.48 -29.45
CA PHE A 186 11.09 22.25 -30.66
C PHE A 186 9.81 22.86 -31.26
N LEU A 187 8.62 22.33 -30.86
CA LEU A 187 7.30 22.78 -31.31
C LEU A 187 6.67 23.80 -30.32
N LYS A 188 7.38 24.10 -29.22
CA LYS A 188 6.90 25.02 -28.18
C LYS A 188 7.54 26.40 -28.28
N SER A 189 6.78 27.45 -27.94
CA SER A 189 7.22 28.84 -27.93
C SER A 189 8.15 29.13 -26.73
N GLU A 190 8.74 30.34 -26.68
CA GLU A 190 9.66 30.77 -25.61
C GLU A 190 8.99 30.68 -24.24
N PHE A 191 7.75 31.21 -24.11
CA PHE A 191 6.98 31.16 -22.86
C PHE A 191 6.45 29.75 -22.61
N GLY A 192 6.16 29.02 -23.68
CA GLY A 192 5.68 27.64 -23.64
C GLY A 192 6.71 26.68 -23.10
N LEU A 193 7.99 26.95 -23.42
CA LEU A 193 9.15 26.17 -22.96
C LEU A 193 9.43 26.48 -21.48
N VAL A 194 9.11 27.71 -21.03
CA VAL A 194 9.27 28.16 -19.65
C VAL A 194 8.20 27.46 -18.80
N TRP A 195 6.93 27.44 -19.27
CA TRP A 195 5.81 26.78 -18.59
C TRP A 195 6.04 25.27 -18.48
N HIS A 196 6.74 24.67 -19.47
CA HIS A 196 7.11 23.26 -19.51
C HIS A 196 8.08 22.93 -18.36
N GLU A 197 9.07 23.83 -18.12
CA GLU A 197 10.07 23.71 -17.06
C GLU A 197 9.43 23.86 -15.68
N ILE A 198 8.43 24.78 -15.55
CA ILE A 198 7.72 25.05 -14.30
C ILE A 198 6.86 23.83 -13.90
N VAL A 199 6.05 23.30 -14.84
CA VAL A 199 5.14 22.16 -14.67
C VAL A 199 5.91 20.90 -14.23
N ASN A 200 7.05 20.59 -14.89
CA ASN A 200 7.88 19.43 -14.57
C ASN A 200 8.47 19.51 -13.15
N TYR A 201 8.66 20.73 -12.62
CA TYR A 201 9.15 20.98 -11.25
C TYR A 201 7.99 20.78 -10.27
N ILE A 202 6.79 21.31 -10.60
CA ILE A 202 5.57 21.20 -9.80
C ILE A 202 5.18 19.71 -9.68
N CYS A 203 5.35 18.94 -10.78
CA CYS A 203 5.06 17.51 -10.84
C CYS A 203 6.05 16.69 -9.98
N GLN A 204 7.28 17.20 -9.77
CA GLN A 204 8.27 16.56 -8.89
C GLN A 204 7.84 16.73 -7.44
N VAL A 205 7.29 17.92 -7.11
CA VAL A 205 6.77 18.28 -5.78
C VAL A 205 5.51 17.42 -5.49
N ILE A 206 4.61 17.27 -6.49
CA ILE A 206 3.38 16.48 -6.41
C ILE A 206 3.72 15.01 -6.12
N PHE A 207 4.71 14.45 -6.85
CA PHE A 207 5.14 13.06 -6.67
C PHE A 207 5.75 12.84 -5.28
N TRP A 208 6.76 13.65 -4.91
CA TRP A 208 7.48 13.53 -3.65
C TRP A 208 6.60 13.75 -2.41
N ILE A 209 5.56 14.62 -2.49
CA ILE A 209 4.64 14.83 -1.36
C ILE A 209 3.79 13.56 -1.14
N ASN A 210 3.30 12.94 -2.24
CA ASN A 210 2.51 11.71 -2.20
C ASN A 210 3.38 10.50 -1.84
N PHE A 211 4.62 10.45 -2.37
CA PHE A 211 5.58 9.37 -2.12
C PHE A 211 6.01 9.37 -0.64
N LEU A 212 6.24 10.55 -0.05
CA LEU A 212 6.61 10.67 1.37
C LEU A 212 5.42 10.34 2.27
N ILE A 213 4.18 10.59 1.81
CA ILE A 213 2.93 10.28 2.53
C ILE A 213 2.80 8.75 2.65
N VAL A 214 3.04 8.03 1.53
CA VAL A 214 2.95 6.57 1.42
C VAL A 214 4.06 5.90 2.28
N ILE A 215 5.27 6.50 2.34
CA ILE A 215 6.39 5.98 3.14
C ILE A 215 6.06 6.09 4.65
N VAL A 216 5.67 7.29 5.12
CA VAL A 216 5.34 7.58 6.53
C VAL A 216 4.20 6.66 7.01
N CYS A 217 3.11 6.53 6.21
CA CYS A 217 1.96 5.67 6.53
C CYS A 217 2.39 4.21 6.68
N TYR A 218 3.16 3.69 5.70
CA TYR A 218 3.68 2.31 5.67
C TYR A 218 4.55 2.03 6.91
N THR A 219 5.46 2.96 7.26
CA THR A 219 6.38 2.85 8.40
C THR A 219 5.60 2.71 9.71
N LEU A 220 4.56 3.55 9.90
CA LEU A 220 3.70 3.56 11.09
C LEU A 220 2.92 2.24 11.23
N ILE A 221 2.46 1.68 10.10
CA ILE A 221 1.72 0.40 10.05
C ILE A 221 2.67 -0.74 10.43
N THR A 222 3.88 -0.78 9.83
CA THR A 222 4.91 -1.80 10.09
C THR A 222 5.38 -1.70 11.55
N LYS A 223 5.50 -0.48 12.09
CA LYS A 223 5.89 -0.22 13.49
C LYS A 223 4.83 -0.78 14.44
N GLU A 224 3.53 -0.62 14.08
CA GLU A 224 2.38 -1.11 14.84
C GLU A 224 2.34 -2.64 14.80
N LEU A 225 2.74 -3.25 13.66
CA LEU A 225 2.80 -4.70 13.48
C LEU A 225 3.86 -5.31 14.40
N TYR A 226 4.99 -4.60 14.62
CA TYR A 226 6.07 -5.03 15.51
C TYR A 226 5.63 -4.92 16.97
N ARG A 227 4.91 -3.83 17.33
CA ARG A 227 4.39 -3.58 18.67
C ARG A 227 3.34 -4.62 19.06
N SER A 228 2.50 -5.03 18.08
CA SER A 228 1.45 -6.03 18.25
C SER A 228 2.05 -7.43 18.33
N TYR A 229 3.22 -7.65 17.69
CA TYR A 229 3.94 -8.93 17.69
C TYR A 229 4.55 -9.18 19.07
N VAL A 230 5.27 -8.18 19.63
CA VAL A 230 5.96 -8.22 20.93
C VAL A 230 4.96 -8.58 22.05
N ARG A 231 3.77 -7.93 22.05
CA ARG A 231 2.71 -8.16 23.05
C ARG A 231 2.14 -9.59 22.95
N THR A 232 2.04 -10.14 21.72
CA THR A 232 1.54 -11.50 21.48
C THR A 232 2.65 -12.52 21.83
N ALA A 233 3.93 -12.16 21.57
CA ALA A 233 5.09 -13.01 21.87
C ALA A 233 5.27 -13.17 23.39
N ASP A 234 5.02 -12.09 24.17
CA ASP A 234 5.11 -12.10 25.63
C ASP A 234 3.97 -12.91 26.24
N LEU A 235 2.80 -12.95 25.55
CA LEU A 235 1.61 -13.69 25.95
C LEU A 235 1.84 -15.20 25.77
N GLU A 236 2.50 -15.58 24.65
CA GLU A 236 2.83 -16.97 24.32
C GLU A 236 3.97 -17.50 25.20
N ASP A 237 4.87 -16.60 25.67
CA ASP A 237 5.99 -16.95 26.55
C ASP A 237 5.49 -17.34 27.95
N ASN A 238 4.37 -16.73 28.38
CA ASN A 238 3.72 -17.02 29.66
C ASN A 238 3.05 -18.39 29.61
N TRP A 239 2.59 -18.79 28.40
CA TRP A 239 1.97 -20.09 28.16
C TRP A 239 3.03 -21.20 28.16
N GLU A 240 4.28 -20.86 27.76
CA GLU A 240 5.41 -21.81 27.74
C GLU A 240 5.86 -22.09 29.17
N THR A 241 5.89 -21.04 30.03
CA THR A 241 6.25 -21.15 31.45
C THR A 241 5.01 -21.62 32.26
N LEU A 242 4.16 -22.43 31.62
CA LEU A 242 2.92 -23.02 32.13
C LEU A 242 2.77 -24.45 31.58
N ASN A 243 3.18 -24.65 30.31
CA ASN A 243 3.13 -25.94 29.61
C ASN A 243 4.40 -26.76 29.87
N ASP A 244 5.60 -26.14 29.71
CA ASP A 244 6.90 -26.79 29.92
C ASP A 244 7.12 -27.11 31.40
N ASN A 245 6.65 -26.22 32.31
CA ASN A 245 6.77 -26.39 33.77
C ASN A 245 5.88 -27.53 34.27
N LEU A 246 4.74 -27.76 33.59
CA LEU A 246 3.78 -28.83 33.91
C LEU A 246 4.39 -30.21 33.61
N LYS A 247 5.26 -30.29 32.58
CA LYS A 247 5.97 -31.50 32.17
C LYS A 247 7.00 -31.93 33.22
N VAL A 248 7.60 -30.96 33.93
CA VAL A 248 8.58 -31.17 34.99
C VAL A 248 7.87 -31.79 36.22
N ILE A 249 6.63 -31.33 36.50
CA ILE A 249 5.76 -31.80 37.59
C ILE A 249 5.39 -33.29 37.35
N GLU A 250 5.20 -33.68 36.08
CA GLU A 250 4.88 -35.05 35.66
C GLU A 250 6.08 -36.00 35.88
N LYS A 251 7.31 -35.45 35.87
CA LYS A 251 8.56 -36.20 36.06
C LYS A 251 9.19 -35.92 37.45
N ALA A 252 8.53 -35.08 38.28
CA ALA A 252 8.98 -34.70 39.63
C ALA A 252 8.90 -35.88 40.61
N ASP A 253 9.75 -35.87 41.65
CA ASP A 253 9.81 -36.92 42.66
C ASP A 253 9.60 -36.39 44.09
N ASN A 254 10.14 -35.19 44.40
CA ASN A 254 10.04 -34.57 45.72
C ASN A 254 8.99 -33.44 45.75
N ALA A 255 8.48 -33.12 46.95
CA ALA A 255 7.46 -32.09 47.19
C ALA A 255 7.99 -30.67 46.95
N ALA A 256 9.31 -30.44 47.16
CA ALA A 256 9.96 -29.14 46.97
C ALA A 256 10.04 -28.74 45.49
N GLN A 257 10.19 -29.74 44.58
CA GLN A 257 10.27 -29.53 43.14
C GLN A 257 8.91 -29.12 42.56
N VAL A 258 7.81 -29.67 43.10
CA VAL A 258 6.43 -29.38 42.68
C VAL A 258 6.02 -27.98 43.17
N LYS A 259 6.40 -27.63 44.42
CA LYS A 259 6.12 -26.35 45.07
C LYS A 259 6.78 -25.17 44.34
N ASP A 260 8.00 -25.38 43.78
CA ASP A 260 8.76 -24.36 43.05
C ASP A 260 8.11 -24.08 41.68
N ALA A 261 7.66 -25.14 40.98
CA ALA A 261 7.03 -25.04 39.66
C ALA A 261 5.62 -24.45 39.73
N LEU A 262 4.89 -24.71 40.84
CA LEU A 262 3.53 -24.22 41.07
C LEU A 262 3.49 -22.69 41.27
N THR A 263 4.52 -22.13 41.94
CA THR A 263 4.66 -20.69 42.20
C THR A 263 5.02 -19.96 40.90
N LYS A 264 5.84 -20.61 40.03
CA LYS A 264 6.26 -20.08 38.74
C LYS A 264 5.10 -20.07 37.74
N MET A 265 4.24 -21.11 37.77
CA MET A 265 3.06 -21.25 36.90
C MET A 265 1.97 -20.24 37.27
N ARG A 266 1.85 -19.93 38.59
CA ARG A 266 0.87 -18.98 39.12
C ARG A 266 1.23 -17.54 38.71
N ALA A 267 2.53 -17.21 38.69
CA ALA A 267 3.04 -15.89 38.31
C ALA A 267 2.91 -15.65 36.81
N ALA A 268 3.14 -16.69 35.99
CA ALA A 268 3.04 -16.65 34.52
C ALA A 268 1.60 -16.46 34.06
N ALA A 269 0.64 -17.14 34.72
CA ALA A 269 -0.79 -17.06 34.43
C ALA A 269 -1.37 -15.70 34.85
N LEU A 270 -0.83 -15.11 35.94
CA LEU A 270 -1.23 -13.81 36.47
C LEU A 270 -0.74 -12.68 35.57
N ASP A 271 0.49 -12.80 35.02
CA ASP A 271 1.12 -11.84 34.12
C ASP A 271 0.38 -11.79 32.77
N ALA A 272 -0.06 -12.95 32.27
CA ALA A 272 -0.80 -13.08 31.01
C ALA A 272 -2.22 -12.51 31.13
N GLN A 273 -2.80 -12.55 32.36
CA GLN A 273 -4.13 -12.01 32.67
C GLN A 273 -4.12 -10.48 32.62
N LYS A 274 -3.00 -9.86 33.06
CA LYS A 274 -2.79 -8.40 33.08
C LYS A 274 -2.59 -7.85 31.66
N ALA A 275 -2.03 -8.67 30.75
CA ALA A 275 -1.71 -8.34 29.37
C ALA A 275 -2.94 -7.95 28.54
N THR A 276 -2.75 -7.01 27.59
CA THR A 276 -3.78 -6.51 26.68
C THR A 276 -3.45 -7.02 25.25
N PRO A 277 -4.23 -7.99 24.72
CA PRO A 277 -3.92 -8.51 23.36
C PRO A 277 -4.32 -7.55 22.24
N PRO A 278 -3.78 -7.69 21.00
CA PRO A 278 -4.14 -6.76 19.92
C PRO A 278 -5.59 -6.85 19.44
N LYS A 279 -6.27 -7.99 19.71
CA LYS A 279 -7.67 -8.20 19.34
C LYS A 279 -8.60 -7.36 20.22
N LEU A 280 -8.24 -7.21 21.51
CA LEU A 280 -9.03 -6.44 22.48
C LEU A 280 -8.41 -5.04 22.68
N GLU A 281 -7.94 -4.42 21.59
CA GLU A 281 -7.32 -3.09 21.59
C GLU A 281 -8.37 -1.98 21.76
N ASP A 282 -9.41 -1.98 20.90
CA ASP A 282 -10.49 -0.99 20.92
C ASP A 282 -11.67 -1.48 21.79
N LYS A 283 -11.34 -2.12 22.94
CA LYS A 283 -12.31 -2.66 23.89
C LYS A 283 -12.07 -2.06 25.28
N SER A 284 -13.15 -1.56 25.91
CA SER A 284 -13.11 -0.96 27.25
C SER A 284 -12.88 -2.05 28.33
N PRO A 285 -12.29 -1.73 29.52
CA PRO A 285 -12.09 -2.78 30.54
C PRO A 285 -13.40 -3.32 31.13
N ASP A 286 -14.51 -2.57 30.94
CA ASP A 286 -15.86 -2.92 31.41
C ASP A 286 -16.64 -3.73 30.37
N SER A 287 -16.07 -3.94 29.16
CA SER A 287 -16.69 -4.70 28.06
C SER A 287 -16.72 -6.21 28.37
N PRO A 288 -17.69 -7.00 27.83
CA PRO A 288 -17.72 -8.44 28.13
C PRO A 288 -16.51 -9.22 27.57
N GLU A 289 -16.01 -8.82 26.38
CA GLU A 289 -14.86 -9.43 25.69
C GLU A 289 -13.59 -9.38 26.55
N MET A 290 -13.37 -8.24 27.25
CA MET A 290 -12.24 -8.03 28.16
C MET A 290 -12.40 -8.85 29.43
N LYS A 291 -13.65 -8.96 29.94
CA LYS A 291 -14.00 -9.70 31.15
C LYS A 291 -13.83 -11.22 30.97
N ASP A 292 -14.18 -11.74 29.76
CA ASP A 292 -14.05 -13.17 29.42
C ASP A 292 -12.59 -13.62 29.43
N PHE A 293 -11.67 -12.73 29.00
CA PHE A 293 -10.23 -12.96 28.96
C PHE A 293 -9.64 -12.99 30.37
N ARG A 294 -10.09 -12.06 31.25
CA ARG A 294 -9.64 -11.93 32.63
C ARG A 294 -10.10 -13.12 33.49
N HIS A 295 -11.41 -13.47 33.40
CA HIS A 295 -12.01 -14.57 34.17
CA HIS A 295 -12.02 -14.57 34.16
C HIS A 295 -11.52 -15.93 33.67
N GLY A 296 -11.23 -16.02 32.36
CA GLY A 296 -10.74 -17.24 31.71
C GLY A 296 -9.46 -17.76 32.32
N PHE A 297 -8.53 -16.84 32.67
CA PHE A 297 -7.26 -17.17 33.31
C PHE A 297 -7.46 -17.50 34.79
N ASP A 298 -8.42 -16.84 35.46
CA ASP A 298 -8.75 -17.02 36.88
C ASP A 298 -9.23 -18.46 37.17
N ILE A 299 -9.88 -19.12 36.19
CA ILE A 299 -10.33 -20.51 36.30
C ILE A 299 -9.09 -21.42 36.35
N LEU A 300 -8.08 -21.11 35.52
CA LEU A 300 -6.80 -21.84 35.46
C LEU A 300 -5.94 -21.55 36.68
N VAL A 301 -5.95 -20.28 37.17
CA VAL A 301 -5.22 -19.82 38.37
C VAL A 301 -5.75 -20.57 39.60
N GLY A 302 -7.06 -20.72 39.69
CA GLY A 302 -7.76 -21.43 40.76
C GLY A 302 -7.31 -22.87 40.93
N GLN A 303 -7.14 -23.60 39.81
CA GLN A 303 -6.68 -24.99 39.79
C GLN A 303 -5.23 -25.11 40.28
N ILE A 304 -4.39 -24.08 40.03
CA ILE A 304 -3.00 -24.02 40.48
C ILE A 304 -3.00 -23.75 42.00
N ASP A 305 -3.89 -22.84 42.45
CA ASP A 305 -4.07 -22.45 43.86
C ASP A 305 -4.56 -23.62 44.72
N ASP A 306 -5.41 -24.51 44.14
CA ASP A 306 -5.94 -25.70 44.80
C ASP A 306 -4.82 -26.73 45.03
N ALA A 307 -3.91 -26.86 44.04
CA ALA A 307 -2.76 -27.76 44.09
C ALA A 307 -1.64 -27.17 44.96
N LEU A 308 -1.61 -25.82 45.11
CA LEU A 308 -0.63 -25.08 45.92
C LEU A 308 -0.82 -25.35 47.42
N LYS A 309 -2.09 -25.53 47.85
CA LYS A 309 -2.44 -25.83 49.24
C LYS A 309 -1.97 -27.23 49.63
N LEU A 310 -2.03 -28.18 48.67
CA LEU A 310 -1.62 -29.58 48.84
C LEU A 310 -0.08 -29.68 48.85
N ALA A 311 0.59 -28.88 47.99
CA ALA A 311 2.05 -28.84 47.86
C ALA A 311 2.72 -28.20 49.09
N ASN A 312 2.03 -27.24 49.74
CA ASN A 312 2.52 -26.53 50.93
C ASN A 312 2.61 -27.45 52.16
N GLU A 313 1.68 -28.43 52.25
CA GLU A 313 1.62 -29.41 53.34
C GLU A 313 2.76 -30.44 53.23
N GLY A 314 3.05 -30.88 52.01
CA GLY A 314 4.10 -31.85 51.71
C GLY A 314 3.66 -33.02 50.86
N LYS A 315 2.47 -32.91 50.22
CA LYS A 315 1.89 -33.95 49.36
C LYS A 315 2.46 -33.87 47.95
N VAL A 316 2.74 -35.05 47.33
CA VAL A 316 3.30 -35.14 45.98
C VAL A 316 2.22 -35.67 45.02
N LYS A 317 1.64 -36.86 45.31
CA LYS A 317 0.61 -37.51 44.48
C LYS A 317 -0.72 -36.74 44.50
N GLU A 318 -1.08 -36.17 45.66
CA GLU A 318 -2.32 -35.40 45.85
C GLU A 318 -2.27 -34.06 45.10
N ALA A 319 -1.08 -33.42 45.06
CA ALA A 319 -0.85 -32.14 44.38
C ALA A 319 -0.77 -32.31 42.86
N GLN A 320 -0.16 -33.42 42.38
CA GLN A 320 0.01 -33.73 40.95
C GLN A 320 -1.34 -34.05 40.29
N ALA A 321 -2.27 -34.69 41.02
CA ALA A 321 -3.61 -35.04 40.53
C ALA A 321 -4.47 -33.78 40.34
N ALA A 322 -4.29 -32.76 41.20
CA ALA A 322 -4.99 -31.48 41.15
C ALA A 322 -4.40 -30.58 40.06
N ALA A 323 -3.08 -30.72 39.80
CA ALA A 323 -2.36 -29.95 38.78
C ALA A 323 -2.65 -30.48 37.37
N GLU A 324 -2.94 -31.79 37.25
CA GLU A 324 -3.25 -32.45 35.97
C GLU A 324 -4.68 -32.13 35.49
N GLN A 325 -5.50 -31.49 36.37
CA GLN A 325 -6.88 -31.07 36.08
C GLN A 325 -6.93 -29.93 35.05
N LEU A 326 -5.77 -29.29 34.78
CA LEU A 326 -5.61 -28.20 33.81
C LEU A 326 -5.57 -28.75 32.36
N LYS A 327 -5.36 -30.07 32.22
CA LYS A 327 -5.29 -30.77 30.92
C LYS A 327 -6.63 -31.40 30.51
N THR A 328 -7.70 -31.24 31.34
CA THR A 328 -9.04 -31.78 31.09
C THR A 328 -9.68 -31.12 29.85
N THR A 329 -10.60 -31.84 29.18
CA THR A 329 -11.32 -31.44 27.95
C THR A 329 -11.89 -30.00 28.04
N ARG A 330 -12.46 -29.62 29.20
CA ARG A 330 -13.04 -28.29 29.43
C ARG A 330 -11.94 -27.23 29.59
N ASN A 331 -10.90 -27.52 30.40
CA ASN A 331 -9.78 -26.61 30.67
C ASN A 331 -8.86 -26.43 29.45
N ALA A 332 -8.76 -27.46 28.58
CA ALA A 332 -7.96 -27.43 27.36
C ALA A 332 -8.60 -26.50 26.32
N TYR A 333 -9.95 -26.40 26.35
CA TYR A 333 -10.75 -25.53 25.49
C TYR A 333 -10.54 -24.06 25.89
N ILE A 334 -10.40 -23.81 27.22
CA ILE A 334 -10.15 -22.49 27.79
C ILE A 334 -8.76 -22.01 27.35
N GLN A 335 -7.75 -22.91 27.38
CA GLN A 335 -6.38 -22.64 26.95
C GLN A 335 -6.32 -22.34 25.44
N LYS A 336 -7.16 -23.05 24.66
CA LYS A 336 -7.28 -22.87 23.20
C LYS A 336 -8.00 -21.57 22.87
N TYR A 337 -8.93 -21.11 23.75
CA TYR A 337 -9.69 -19.87 23.57
C TYR A 337 -8.80 -18.66 23.87
N LEU A 338 -8.15 -18.65 25.06
CA LEU A 338 -7.28 -17.54 25.52
C LEU A 338 -6.06 -17.33 24.61
N ARG A 339 -5.53 -18.42 23.99
CA ARG A 339 -4.41 -18.35 23.06
C ARG A 339 -4.85 -17.72 21.74
N GLY A 340 -6.04 -18.11 21.27
CA GLY A 340 -6.65 -17.60 20.04
C GLY A 340 -6.99 -16.13 20.08
N VAL A 341 -7.38 -15.63 21.26
CA VAL A 341 -7.72 -14.22 21.50
C VAL A 341 -6.42 -13.38 21.45
N GLY A 342 -5.34 -13.94 21.99
CA GLY A 342 -4.02 -13.31 22.03
C GLY A 342 -3.40 -13.06 20.66
N LYS A 343 -3.66 -13.96 19.69
CA LYS A 343 -3.17 -13.95 18.30
C LYS A 343 -3.34 -12.60 17.57
N VAL A 344 -2.38 -12.26 16.70
CA VAL A 344 -2.34 -11.02 15.91
C VAL A 344 -3.43 -11.10 14.81
N PRO A 345 -4.37 -10.12 14.72
CA PRO A 345 -5.40 -10.18 13.68
C PRO A 345 -4.91 -9.81 12.28
N ARG A 346 -5.78 -9.97 11.26
CA ARG A 346 -5.47 -9.62 9.87
C ARG A 346 -5.52 -8.11 9.64
N LYS A 347 -6.29 -7.38 10.49
CA LYS A 347 -6.46 -5.92 10.45
C LYS A 347 -5.14 -5.18 10.56
N LYS A 348 -4.14 -5.80 11.23
CA LYS A 348 -2.80 -5.26 11.42
C LYS A 348 -1.99 -5.35 10.11
N VAL A 349 -2.10 -6.49 9.41
CA VAL A 349 -1.42 -6.75 8.12
C VAL A 349 -2.21 -6.02 7.01
N ASN A 350 -1.74 -4.81 6.63
CA ASN A 350 -2.40 -4.00 5.60
C ASN A 350 -1.76 -4.26 4.22
N VAL A 351 -2.43 -5.10 3.42
CA VAL A 351 -1.99 -5.48 2.08
C VAL A 351 -2.21 -4.31 1.08
N LYS A 352 -3.29 -3.52 1.25
CA LYS A 352 -3.65 -2.39 0.39
C LYS A 352 -2.57 -1.30 0.35
N VAL A 353 -2.03 -0.91 1.51
CA VAL A 353 -0.99 0.12 1.64
C VAL A 353 0.32 -0.41 1.00
N PHE A 354 0.62 -1.72 1.17
CA PHE A 354 1.81 -2.34 0.59
C PHE A 354 1.72 -2.40 -0.95
N ILE A 355 0.51 -2.60 -1.51
CA ILE A 355 0.31 -2.62 -2.96
C ILE A 355 0.63 -1.21 -3.53
N ILE A 356 0.21 -0.13 -2.81
CA ILE A 356 0.46 1.25 -3.20
C ILE A 356 1.98 1.56 -3.19
N ILE A 357 2.71 1.22 -2.10
CA ILE A 357 4.15 1.48 -1.99
C ILE A 357 4.94 0.72 -3.08
N ALA A 358 4.53 -0.53 -3.41
CA ALA A 358 5.16 -1.34 -4.46
C ALA A 358 4.93 -0.72 -5.83
N VAL A 359 3.73 -0.15 -6.07
CA VAL A 359 3.36 0.53 -7.33
C VAL A 359 4.24 1.78 -7.48
N PHE A 360 4.44 2.55 -6.39
CA PHE A 360 5.28 3.75 -6.39
C PHE A 360 6.73 3.44 -6.76
N PHE A 361 7.33 2.39 -6.15
CA PHE A 361 8.73 1.97 -6.37
C PHE A 361 8.99 1.38 -7.77
N ILE A 362 7.99 0.74 -8.40
CA ILE A 362 8.15 0.11 -9.70
C ILE A 362 7.70 1.05 -10.85
N CYS A 363 6.55 1.74 -10.70
CA CYS A 363 5.97 2.57 -11.76
C CYS A 363 6.42 4.04 -11.76
N PHE A 364 6.37 4.73 -10.60
CA PHE A 364 6.63 6.16 -10.56
C PHE A 364 8.06 6.58 -10.16
N VAL A 365 8.71 5.87 -9.22
CA VAL A 365 10.06 6.23 -8.73
C VAL A 365 11.11 6.26 -9.90
N PRO A 366 11.34 5.20 -10.72
CA PRO A 366 12.35 5.31 -11.78
C PRO A 366 12.14 6.47 -12.76
N PHE A 367 10.88 6.83 -13.07
CA PHE A 367 10.54 7.91 -14.00
C PHE A 367 10.94 9.29 -13.46
N HIS A 368 10.63 9.58 -12.19
CA HIS A 368 10.91 10.88 -11.58
C HIS A 368 12.39 11.06 -11.20
N PHE A 369 13.18 9.97 -11.27
CA PHE A 369 14.62 9.99 -10.99
C PHE A 369 15.41 10.24 -12.29
N ALA A 370 14.70 10.39 -13.43
CA ALA A 370 15.30 10.63 -14.74
C ALA A 370 14.64 11.82 -15.49
N ARG A 371 13.59 12.42 -14.92
CA ARG A 371 12.86 13.53 -15.56
C ARG A 371 13.64 14.84 -15.56
N ILE A 372 14.18 15.28 -14.41
CA ILE A 372 14.93 16.54 -14.27
C ILE A 372 16.15 16.57 -15.24
N PRO A 373 17.06 15.53 -15.35
CA PRO A 373 18.17 15.65 -16.31
C PRO A 373 17.71 15.68 -17.77
N TYR A 374 16.51 15.13 -18.06
CA TYR A 374 15.94 15.11 -19.40
C TYR A 374 15.26 16.44 -19.74
N THR A 375 14.58 17.08 -18.75
CA THR A 375 13.90 18.37 -18.92
C THR A 375 14.93 19.47 -19.23
N LEU A 376 16.14 19.37 -18.64
CA LEU A 376 17.23 20.32 -18.83
C LEU A 376 17.76 20.29 -20.27
N SER A 377 17.80 19.09 -20.90
CA SER A 377 18.24 18.93 -22.29
C SER A 377 17.18 19.44 -23.29
N GLN A 378 15.92 19.60 -22.84
CA GLN A 378 14.79 20.08 -23.64
C GLN A 378 14.72 21.60 -23.64
N THR A 379 14.93 22.24 -22.47
CA THR A 379 14.87 23.69 -22.27
C THR A 379 15.99 24.43 -23.00
N ARG A 380 17.19 23.83 -23.07
CA ARG A 380 18.37 24.43 -23.73
C ARG A 380 19.15 23.39 -24.54
N ASP A 381 19.68 23.80 -25.70
CA ASP A 381 20.53 22.94 -26.54
C ASP A 381 21.96 23.09 -26.01
N VAL A 382 22.21 22.49 -24.84
CA VAL A 382 23.44 22.56 -24.06
C VAL A 382 24.17 21.19 -24.06
N PHE A 383 23.41 20.10 -24.28
CA PHE A 383 23.94 18.73 -24.31
C PHE A 383 24.36 18.32 -25.72
N ASP A 384 25.24 17.30 -25.82
CA ASP A 384 25.69 16.75 -27.10
C ASP A 384 24.58 15.87 -27.71
N CYS A 385 24.71 15.51 -29.01
CA CYS A 385 23.74 14.68 -29.72
C CYS A 385 23.58 13.31 -29.05
N THR A 386 24.70 12.67 -28.65
CA THR A 386 24.70 11.36 -27.99
C THR A 386 24.16 11.47 -26.55
N ALA A 387 24.39 12.63 -25.88
CA ALA A 387 23.93 12.90 -24.51
C ALA A 387 22.41 13.06 -24.47
N GLU A 388 21.84 13.84 -25.41
CA GLU A 388 20.40 14.10 -25.55
C GLU A 388 19.63 12.84 -25.94
N ASN A 389 20.26 11.96 -26.74
CA ASN A 389 19.66 10.71 -27.21
C ASN A 389 19.56 9.68 -26.07
N THR A 390 20.64 9.49 -25.29
CA THR A 390 20.73 8.56 -24.16
C THR A 390 19.67 8.90 -23.09
N LEU A 391 19.48 10.20 -22.80
CA LEU A 391 18.50 10.70 -21.83
C LEU A 391 17.07 10.38 -22.28
N PHE A 392 16.80 10.46 -23.61
CA PHE A 392 15.49 10.19 -24.22
C PHE A 392 15.13 8.70 -24.10
N TYR A 393 16.09 7.78 -24.37
CA TYR A 393 15.87 6.34 -24.30
C TYR A 393 15.59 5.88 -22.86
N VAL A 394 16.24 6.54 -21.87
CA VAL A 394 16.06 6.29 -20.43
C VAL A 394 14.67 6.80 -20.00
N LYS A 395 14.30 8.01 -20.47
CA LYS A 395 13.02 8.65 -20.20
C LYS A 395 11.87 7.80 -20.76
N GLU A 396 11.99 7.34 -22.02
CA GLU A 396 10.98 6.53 -22.71
C GLU A 396 10.77 5.16 -22.07
N SER A 397 11.87 4.52 -21.59
CA SER A 397 11.83 3.21 -20.93
C SER A 397 11.13 3.31 -19.57
N THR A 398 11.44 4.37 -18.79
CA THR A 398 10.85 4.64 -17.47
C THR A 398 9.38 5.09 -17.60
N LEU A 399 9.04 5.75 -18.72
CA LEU A 399 7.69 6.22 -19.05
C LEU A 399 6.74 5.03 -19.27
N TRP A 400 7.29 3.91 -19.80
CA TRP A 400 6.54 2.68 -20.06
C TRP A 400 6.11 2.03 -18.73
N LEU A 401 6.99 2.04 -17.71
CA LEU A 401 6.71 1.49 -16.38
C LEU A 401 5.63 2.32 -15.67
N THR A 402 5.55 3.63 -15.98
CA THR A 402 4.55 4.55 -15.45
C THR A 402 3.18 4.17 -16.04
N SER A 403 3.15 3.82 -17.34
CA SER A 403 1.94 3.39 -18.07
C SER A 403 1.41 2.06 -17.54
N LEU A 404 2.30 1.22 -16.99
CA LEU A 404 2.02 -0.10 -16.40
C LEU A 404 1.12 0.01 -15.15
N ASN A 405 1.09 1.19 -14.49
CA ASN A 405 0.26 1.43 -13.30
C ASN A 405 -1.23 1.43 -13.66
N ALA A 406 -1.59 1.90 -14.88
CA ALA A 406 -2.97 1.96 -15.38
C ALA A 406 -3.62 0.58 -15.48
N CYS A 407 -2.81 -0.48 -15.71
CA CYS A 407 -3.24 -1.87 -15.83
C CYS A 407 -3.03 -2.62 -14.49
N LEU A 408 -2.42 -1.96 -13.49
CA LEU A 408 -2.12 -2.54 -12.17
C LEU A 408 -2.87 -1.85 -11.01
N ASN A 409 -3.35 -0.60 -11.21
CA ASN A 409 -4.10 0.15 -10.19
C ASN A 409 -5.45 -0.50 -9.82
N PRO A 410 -6.27 -1.06 -10.75
CA PRO A 410 -7.56 -1.67 -10.32
C PRO A 410 -7.40 -2.96 -9.49
N PHE A 411 -6.15 -3.45 -9.29
CA PHE A 411 -5.87 -4.66 -8.50
C PHE A 411 -6.08 -4.42 -7.00
N ILE A 412 -6.13 -3.14 -6.56
CA ILE A 412 -6.41 -2.74 -5.17
C ILE A 412 -7.89 -3.11 -4.89
N TYR A 413 -8.74 -2.96 -5.92
CA TYR A 413 -10.17 -3.27 -5.88
C TYR A 413 -10.41 -4.78 -6.00
N PHE A 414 -9.61 -5.48 -6.85
CA PHE A 414 -9.73 -6.92 -7.08
C PHE A 414 -9.29 -7.73 -5.86
N PHE A 415 -8.35 -7.21 -5.06
CA PHE A 415 -7.87 -7.86 -3.83
C PHE A 415 -8.61 -7.26 -2.62
N LEU A 416 -9.94 -7.54 -2.55
CA LEU A 416 -10.85 -7.07 -1.51
C LEU A 416 -11.80 -8.19 -1.04
N CYS A 417 -12.68 -7.88 -0.06
CA CYS A 417 -13.66 -8.81 0.51
C CYS A 417 -14.90 -8.90 -0.39
N LYS A 418 -15.37 -7.76 -0.93
CA LYS A 418 -16.55 -7.68 -1.80
C LYS A 418 -16.12 -7.61 -3.29
N SER A 419 -15.28 -8.57 -3.72
CA SER A 419 -14.79 -8.69 -5.10
C SER A 419 -14.38 -10.12 -5.44
N PHE A 420 -13.84 -10.86 -4.43
CA PHE A 420 -13.36 -12.25 -4.50
C PHE A 420 -12.30 -12.44 -5.58
#